data_1Z30
#
_entry.id   1Z30
#
_entity_poly.entity_id   1
_entity_poly.type   'polyribonucleotide'
_entity_poly.pdbx_seq_one_letter_code
;GGCGUUCGUUAGAACGUC
;
_entity_poly.pdbx_strand_id   A
#
loop_
_chem_comp.id
_chem_comp.type
_chem_comp.name
_chem_comp.formula
A RNA linking ADENOSINE-5'-MONOPHOSPHATE 'C10 H14 N5 O7 P'
C RNA linking CYTIDINE-5'-MONOPHOSPHATE 'C9 H14 N3 O8 P'
G RNA linking GUANOSINE-5'-MONOPHOSPHATE 'C10 H14 N5 O8 P'
U RNA linking URIDINE-5'-MONOPHOSPHATE 'C9 H13 N2 O9 P'
#